data_1BDK
# 
_entry.id   1BDK 
# 
_audit_conform.dict_name       mmcif_pdbx.dic 
_audit_conform.dict_version    5.393 
_audit_conform.dict_location   http://mmcif.pdb.org/dictionaries/ascii/mmcif_pdbx.dic 
# 
loop_
_database_2.database_id 
_database_2.database_code 
_database_2.pdbx_database_accession 
_database_2.pdbx_DOI 
PDB   1BDK         pdb_00001bdk 10.2210/pdb1bdk/pdb 
WWPDB D_1000171626 ?            ?                   
# 
loop_
_pdbx_audit_revision_history.ordinal 
_pdbx_audit_revision_history.data_content_type 
_pdbx_audit_revision_history.major_revision 
_pdbx_audit_revision_history.minor_revision 
_pdbx_audit_revision_history.revision_date 
1 'Structure model' 1 0 1995-12-07 
2 'Structure model' 1 1 2008-03-24 
3 'Structure model' 1 2 2011-07-13 
4 'Structure model' 1 3 2024-06-05 
# 
_pdbx_audit_revision_details.ordinal             1 
_pdbx_audit_revision_details.revision_ordinal    1 
_pdbx_audit_revision_details.data_content_type   'Structure model' 
_pdbx_audit_revision_details.provider            repository 
_pdbx_audit_revision_details.type                'Initial release' 
_pdbx_audit_revision_details.description         ? 
_pdbx_audit_revision_details.details             ? 
# 
loop_
_pdbx_audit_revision_group.ordinal 
_pdbx_audit_revision_group.revision_ordinal 
_pdbx_audit_revision_group.data_content_type 
_pdbx_audit_revision_group.group 
1  2 'Structure model' 'Version format compliance' 
2  3 'Structure model' 'Atomic model'              
3  3 'Structure model' 'Database references'       
4  3 'Structure model' 'Derived calculations'      
5  3 'Structure model' 'Non-polymer description'   
6  3 'Structure model' 'Structure summary'         
7  3 'Structure model' 'Version format compliance' 
8  4 'Structure model' 'Data collection'           
9  4 'Structure model' 'Database references'       
10 4 'Structure model' 'Derived calculations'      
11 4 'Structure model' Other                       
# 
loop_
_pdbx_audit_revision_category.ordinal 
_pdbx_audit_revision_category.revision_ordinal 
_pdbx_audit_revision_category.data_content_type 
_pdbx_audit_revision_category.category 
1 4 'Structure model' chem_comp_atom       
2 4 'Structure model' chem_comp_bond       
3 4 'Structure model' database_2           
4 4 'Structure model' pdbx_database_status 
5 4 'Structure model' struct_conn          
6 4 'Structure model' struct_site          
# 
loop_
_pdbx_audit_revision_item.ordinal 
_pdbx_audit_revision_item.revision_ordinal 
_pdbx_audit_revision_item.data_content_type 
_pdbx_audit_revision_item.item 
1  4 'Structure model' '_database_2.pdbx_DOI'                
2  4 'Structure model' '_database_2.pdbx_database_accession' 
3  4 'Structure model' '_pdbx_database_status.process_site'  
4  4 'Structure model' '_struct_conn.pdbx_dist_value'        
5  4 'Structure model' '_struct_conn.pdbx_leaving_atom_flag' 
6  4 'Structure model' '_struct_conn.ptnr1_auth_comp_id'     
7  4 'Structure model' '_struct_conn.ptnr1_auth_seq_id'      
8  4 'Structure model' '_struct_conn.ptnr1_label_comp_id'    
9  4 'Structure model' '_struct_conn.ptnr1_label_seq_id'     
10 4 'Structure model' '_struct_conn.ptnr2_auth_comp_id'     
11 4 'Structure model' '_struct_conn.ptnr2_auth_seq_id'      
12 4 'Structure model' '_struct_conn.ptnr2_label_comp_id'    
13 4 'Structure model' '_struct_conn.ptnr2_label_seq_id'     
14 4 'Structure model' '_struct_site.pdbx_auth_asym_id'      
15 4 'Structure model' '_struct_site.pdbx_auth_comp_id'      
16 4 'Structure model' '_struct_site.pdbx_auth_seq_id'       
# 
_pdbx_database_status.status_code                     REL 
_pdbx_database_status.entry_id                        1BDK 
_pdbx_database_status.recvd_initial_deposition_date   1995-07-28 
_pdbx_database_status.deposit_site                    ? 
_pdbx_database_status.process_site                    BNL 
_pdbx_database_status.SG_entry                        . 
_pdbx_database_status.status_code_sf                  ? 
_pdbx_database_status.status_code_mr                  ? 
_pdbx_database_status.status_code_cs                  ? 
_pdbx_database_status.pdb_format_compatible           Y 
_pdbx_database_status.status_code_nmr_data            ? 
_pdbx_database_status.methods_development_category    ? 
# 
loop_
_audit_author.name 
_audit_author.pdbx_ordinal 
'Sejbal, J.'    1 
'Kotovych, G.'  2 
'Cann, J.R.'    3 
'Stewart, J.M.' 4 
'Gera, L.'      5 
# 
loop_
_citation.id 
_citation.title 
_citation.journal_abbrev 
_citation.journal_volume 
_citation.page_first 
_citation.page_last 
_citation.year 
_citation.journal_id_ASTM 
_citation.country 
_citation.journal_id_ISSN 
_citation.journal_id_CSD 
_citation.book_publisher 
_citation.pdbx_database_id_PubMed 
_citation.pdbx_database_id_DOI 
primary 
;An NMR, CD, molecular dynamics, and fluorometric study of the conformation of the bradykinin antagonist B-9340 in water and in aqueous micellar solutions.
;
J.Med.Chem.    39  1281 1292 1996 JMCMAR US 0022-2623 0151 ? 8632435 10.1021/jm950485f 
1       
;Combined Approach of NMR and Molecular Dynamics within a Biphasic Membrane Mimetics: Conformation and Orientation of the Bradykinin Antagonist Hoe 140
;
J.Am.Chem.Soc. 116 7532 ?    1994 JACSAT US 0002-7863 0004 ? ?       ?                 
# 
loop_
_citation_author.citation_id 
_citation_author.name 
_citation_author.ordinal 
_citation_author.identifier_ORCID 
primary 'Sejbal, J.'    1  ? 
primary 'Cann, J.R.'    2  ? 
primary 'Stewart, J.M.' 3  ? 
primary 'Gera, L.'      4  ? 
primary 'Kotovych, G.'  5  ? 
1       'Guba, W.'      6  ? 
1       'Haessner, R.'  7  ? 
1       'Breipohl, G.'  8  ? 
1       'Henke, S.'     9  ? 
1       'Knolle, J.'    10 ? 
1       'Santagada, V.' 11 ? 
1       'Kessler, H.'   12 ? 
# 
_entity.id                         1 
_entity.type                       polymer 
_entity.src_method                 syn 
_entity.pdbx_description           'bradykinin antagonist B-9340' 
_entity.formula_weight             1321.574 
_entity.pdbx_number_of_molecules   1 
_entity.pdbx_ec                    ? 
_entity.pdbx_mutation              ? 
_entity.pdbx_fragment              ? 
_entity.details                    ? 
# 
_entity_poly.entity_id                      1 
_entity_poly.type                           'polypeptide(L)' 
_entity_poly.nstd_linkage                   no 
_entity_poly.nstd_monomer                   yes 
_entity_poly.pdbx_seq_one_letter_code       '(DAR)RP(HYP)G(TIH)S(IGL)(OIC)R' 
_entity_poly.pdbx_seq_one_letter_code_can   RRPPGASGXR 
_entity_poly.pdbx_strand_id                 A 
_entity_poly.pdbx_target_identifier         ? 
# 
loop_
_entity_poly_seq.entity_id 
_entity_poly_seq.num 
_entity_poly_seq.mon_id 
_entity_poly_seq.hetero 
1 1  DAR n 
1 2  ARG n 
1 3  PRO n 
1 4  HYP n 
1 5  GLY n 
1 6  TIH n 
1 7  SER n 
1 8  IGL n 
1 9  OIC n 
1 10 ARG n 
# 
loop_
_chem_comp.id 
_chem_comp.type 
_chem_comp.mon_nstd_flag 
_chem_comp.name 
_chem_comp.pdbx_synonyms 
_chem_comp.formula 
_chem_comp.formula_weight 
ARG 'L-peptide linking' y ARGININE                            ?              'C6 H15 N4 O2 1' 175.209 
DAR 'D-peptide linking' . D-ARGININE                          ?              'C6 H15 N4 O2 1' 175.209 
GLY 'peptide linking'   y GLYCINE                             ?              'C2 H5 N O2'     75.067  
HYP 'L-peptide linking' n 4-HYDROXYPROLINE                    HYDROXYPROLINE 'C5 H9 N O3'     131.130 
IGL 'L-peptide linking' n 'ALPHA-AMINO-2-INDANACETIC ACID'    ?              'C11 H13 N O2'   191.226 
OIC 'L-peptide linking' . 'OCTAHYDROINDOLE-2-CARBOXYLIC ACID' ?              'C9 H15 N O2'    169.221 
PRO 'L-peptide linking' y PROLINE                             ?              'C5 H9 N O2'     115.130 
SER 'L-peptide linking' y SERINE                              ?              'C3 H7 N O3'     105.093 
TIH 'L-peptide linking' n 'BETA(2-THIENYL)ALANINE'            ?              'C7 H9 N O2 S'   171.217 
# 
loop_
_pdbx_poly_seq_scheme.asym_id 
_pdbx_poly_seq_scheme.entity_id 
_pdbx_poly_seq_scheme.seq_id 
_pdbx_poly_seq_scheme.mon_id 
_pdbx_poly_seq_scheme.ndb_seq_num 
_pdbx_poly_seq_scheme.pdb_seq_num 
_pdbx_poly_seq_scheme.auth_seq_num 
_pdbx_poly_seq_scheme.pdb_mon_id 
_pdbx_poly_seq_scheme.auth_mon_id 
_pdbx_poly_seq_scheme.pdb_strand_id 
_pdbx_poly_seq_scheme.pdb_ins_code 
_pdbx_poly_seq_scheme.hetero 
A 1 1  DAR 1  1  1  DAR DAR A . n 
A 1 2  ARG 2  2  2  ARG ARG A . n 
A 1 3  PRO 3  3  3  PRO PRO A . n 
A 1 4  HYP 4  4  4  HYP HYP A . n 
A 1 5  GLY 5  5  5  GLY GLY A . n 
A 1 6  TIH 6  6  6  TIH TIH A . n 
A 1 7  SER 7  7  7  SER SER A . n 
A 1 8  IGL 8  8  8  IGL IGL A . n 
A 1 9  OIC 9  9  9  OIC OIC A . n 
A 1 10 ARG 10 10 10 ARG ARG A . n 
# 
_cell.entry_id           1BDK 
_cell.length_a           1.000 
_cell.length_b           1.000 
_cell.length_c           1.000 
_cell.angle_alpha        90.00 
_cell.angle_beta         90.00 
_cell.angle_gamma        90.00 
_cell.Z_PDB              1 
_cell.pdbx_unique_axis   ? 
# 
_symmetry.entry_id                         1BDK 
_symmetry.space_group_name_H-M             'P 1' 
_symmetry.pdbx_full_space_group_name_H-M   ? 
_symmetry.cell_setting                     ? 
_symmetry.Int_Tables_number                1 
# 
_exptl.entry_id          1BDK 
_exptl.method            'SOLUTION NMR' 
_exptl.crystals_number   ? 
# 
_struct.entry_id                  1BDK 
_struct.title                     
;AN NMR, CD, MOLECULAR DYNAMICS, AND FLUOROMETRIC STUDY OF THE CONFORMATION OF THE BRADYKININ ANTAGONIST B-9340 IN WATER AND IN AQUEOUS MICELLAR SOLUTIONS
;
_struct.pdbx_model_details        ? 
_struct.pdbx_CASP_flag            ? 
_struct.pdbx_model_type_details   ? 
# 
_struct_keywords.entry_id        1BDK 
_struct_keywords.pdbx_keywords   ANTAGONIST 
_struct_keywords.text            'BRADYKININ ANTAGONIST, ANTAGONIST' 
# 
_struct_asym.id                            A 
_struct_asym.pdbx_blank_PDB_chainid_flag   Y 
_struct_asym.pdbx_modified                 N 
_struct_asym.entity_id                     1 
_struct_asym.details                       ? 
# 
_struct_ref.id                         1 
_struct_ref.db_name                    PDB 
_struct_ref.db_code                    1BDK 
_struct_ref.pdbx_db_accession          1BDK 
_struct_ref.entity_id                  1 
_struct_ref.pdbx_align_begin           ? 
_struct_ref.pdbx_seq_one_letter_code   RRPPGASGXR 
_struct_ref.pdbx_db_isoform            ? 
# 
_struct_ref_seq.align_id                      1 
_struct_ref_seq.ref_id                        1 
_struct_ref_seq.pdbx_PDB_id_code              1BDK 
_struct_ref_seq.pdbx_strand_id                A 
_struct_ref_seq.seq_align_beg                 1 
_struct_ref_seq.pdbx_seq_align_beg_ins_code   ? 
_struct_ref_seq.seq_align_end                 10 
_struct_ref_seq.pdbx_seq_align_end_ins_code   ? 
_struct_ref_seq.pdbx_db_accession             1BDK 
_struct_ref_seq.db_align_beg                  1 
_struct_ref_seq.pdbx_db_align_beg_ins_code    ? 
_struct_ref_seq.db_align_end                  10 
_struct_ref_seq.pdbx_db_align_end_ins_code    ? 
_struct_ref_seq.pdbx_auth_seq_align_beg       1 
_struct_ref_seq.pdbx_auth_seq_align_end       10 
# 
_pdbx_struct_assembly.id                   1 
_pdbx_struct_assembly.details              author_defined_assembly 
_pdbx_struct_assembly.method_details       ? 
_pdbx_struct_assembly.oligomeric_details   monomeric 
_pdbx_struct_assembly.oligomeric_count     1 
# 
_pdbx_struct_assembly_gen.assembly_id       1 
_pdbx_struct_assembly_gen.oper_expression   1 
_pdbx_struct_assembly_gen.asym_id_list      A 
# 
_pdbx_struct_oper_list.id                   1 
_pdbx_struct_oper_list.type                 'identity operation' 
_pdbx_struct_oper_list.name                 1_555 
_pdbx_struct_oper_list.symmetry_operation   x,y,z 
_pdbx_struct_oper_list.matrix[1][1]         1.0000000000 
_pdbx_struct_oper_list.matrix[1][2]         0.0000000000 
_pdbx_struct_oper_list.matrix[1][3]         0.0000000000 
_pdbx_struct_oper_list.vector[1]            0.0000000000 
_pdbx_struct_oper_list.matrix[2][1]         0.0000000000 
_pdbx_struct_oper_list.matrix[2][2]         1.0000000000 
_pdbx_struct_oper_list.matrix[2][3]         0.0000000000 
_pdbx_struct_oper_list.vector[2]            0.0000000000 
_pdbx_struct_oper_list.matrix[3][1]         0.0000000000 
_pdbx_struct_oper_list.matrix[3][2]         0.0000000000 
_pdbx_struct_oper_list.matrix[3][3]         1.0000000000 
_pdbx_struct_oper_list.vector[3]            0.0000000000 
# 
_struct_biol.id        1 
_struct_biol.details   ? 
# 
loop_
_struct_conn.id 
_struct_conn.conn_type_id 
_struct_conn.pdbx_leaving_atom_flag 
_struct_conn.pdbx_PDB_id 
_struct_conn.ptnr1_label_asym_id 
_struct_conn.ptnr1_label_comp_id 
_struct_conn.ptnr1_label_seq_id 
_struct_conn.ptnr1_label_atom_id 
_struct_conn.pdbx_ptnr1_label_alt_id 
_struct_conn.pdbx_ptnr1_PDB_ins_code 
_struct_conn.pdbx_ptnr1_standard_comp_id 
_struct_conn.ptnr1_symmetry 
_struct_conn.ptnr2_label_asym_id 
_struct_conn.ptnr2_label_comp_id 
_struct_conn.ptnr2_label_seq_id 
_struct_conn.ptnr2_label_atom_id 
_struct_conn.pdbx_ptnr2_label_alt_id 
_struct_conn.pdbx_ptnr2_PDB_ins_code 
_struct_conn.ptnr1_auth_asym_id 
_struct_conn.ptnr1_auth_comp_id 
_struct_conn.ptnr1_auth_seq_id 
_struct_conn.ptnr2_auth_asym_id 
_struct_conn.ptnr2_auth_comp_id 
_struct_conn.ptnr2_auth_seq_id 
_struct_conn.ptnr2_symmetry 
_struct_conn.pdbx_ptnr3_label_atom_id 
_struct_conn.pdbx_ptnr3_label_seq_id 
_struct_conn.pdbx_ptnr3_label_comp_id 
_struct_conn.pdbx_ptnr3_label_asym_id 
_struct_conn.pdbx_ptnr3_label_alt_id 
_struct_conn.pdbx_ptnr3_PDB_ins_code 
_struct_conn.details 
_struct_conn.pdbx_dist_value 
_struct_conn.pdbx_value_order 
_struct_conn.pdbx_role 
covale1 covale both ? A DAR 1 C ? ? ? 1_555 A ARG 2  N ? ? A DAR 1 A ARG 2  1_555 ? ? ? ? ? ? ? 1.358 ? ? 
covale2 covale both ? A PRO 3 C ? ? ? 1_555 A HYP 4  N ? ? A PRO 3 A HYP 4  1_555 ? ? ? ? ? ? ? 1.372 ? ? 
covale3 covale both ? A HYP 4 C ? ? ? 1_555 A GLY 5  N ? ? A HYP 4 A GLY 5  1_555 ? ? ? ? ? ? ? 1.344 ? ? 
covale4 covale both ? A GLY 5 C ? ? ? 1_555 A TIH 6  N ? ? A GLY 5 A TIH 6  1_555 ? ? ? ? ? ? ? 1.353 ? ? 
covale5 covale both ? A TIH 6 C ? ? ? 1_555 A SER 7  N ? ? A TIH 6 A SER 7  1_555 ? ? ? ? ? ? ? 1.355 ? ? 
covale6 covale both ? A SER 7 C ? ? ? 1_555 A IGL 8  N ? ? A SER 7 A IGL 8  1_555 ? ? ? ? ? ? ? 1.350 ? ? 
covale7 covale both ? A IGL 8 C ? ? ? 1_555 A OIC 9  N ? ? A IGL 8 A OIC 9  1_555 ? ? ? ? ? ? ? 1.377 ? ? 
covale8 covale both ? A OIC 9 C ? ? ? 1_555 A ARG 10 N ? ? A OIC 9 A ARG 10 1_555 ? ? ? ? ? ? ? 1.358 ? ? 
# 
_struct_conn_type.id          covale 
_struct_conn_type.criteria    ? 
_struct_conn_type.reference   ? 
# 
loop_
_struct_site.id 
_struct_site.pdbx_evidence_code 
_struct_site.pdbx_auth_asym_id 
_struct_site.pdbx_auth_comp_id 
_struct_site.pdbx_auth_seq_id 
_struct_site.pdbx_auth_ins_code 
_struct_site.pdbx_num_residues 
_struct_site.details 
AC1 Software A DAR 1 ? 2 'BINDING SITE FOR RESIDUE DAR A 1' 
AC2 Software A OIC 9 ? 3 'BINDING SITE FOR RESIDUE OIC A 9' 
# 
loop_
_struct_site_gen.id 
_struct_site_gen.site_id 
_struct_site_gen.pdbx_num_res 
_struct_site_gen.label_comp_id 
_struct_site_gen.label_asym_id 
_struct_site_gen.label_seq_id 
_struct_site_gen.pdbx_auth_ins_code 
_struct_site_gen.auth_comp_id 
_struct_site_gen.auth_asym_id 
_struct_site_gen.auth_seq_id 
_struct_site_gen.label_atom_id 
_struct_site_gen.label_alt_id 
_struct_site_gen.symmetry 
_struct_site_gen.details 
1 AC1 2 ARG A 2 ? ARG A 2 . ? 1_555 ? 
2 AC1 2 PRO A 3 ? PRO A 3 . ? 1_555 ? 
3 AC2 3 TIH A 6 ? TIH A 6 . ? 1_555 ? 
4 AC2 3 SER A 7 ? SER A 7 . ? 1_555 ? 
5 AC2 3 IGL A 8 ? IGL A 8 . ? 1_555 ? 
# 
loop_
_pdbx_validate_rmsd_angle.id 
_pdbx_validate_rmsd_angle.PDB_model_num 
_pdbx_validate_rmsd_angle.auth_atom_id_1 
_pdbx_validate_rmsd_angle.auth_asym_id_1 
_pdbx_validate_rmsd_angle.auth_comp_id_1 
_pdbx_validate_rmsd_angle.auth_seq_id_1 
_pdbx_validate_rmsd_angle.PDB_ins_code_1 
_pdbx_validate_rmsd_angle.label_alt_id_1 
_pdbx_validate_rmsd_angle.auth_atom_id_2 
_pdbx_validate_rmsd_angle.auth_asym_id_2 
_pdbx_validate_rmsd_angle.auth_comp_id_2 
_pdbx_validate_rmsd_angle.auth_seq_id_2 
_pdbx_validate_rmsd_angle.PDB_ins_code_2 
_pdbx_validate_rmsd_angle.label_alt_id_2 
_pdbx_validate_rmsd_angle.auth_atom_id_3 
_pdbx_validate_rmsd_angle.auth_asym_id_3 
_pdbx_validate_rmsd_angle.auth_comp_id_3 
_pdbx_validate_rmsd_angle.auth_seq_id_3 
_pdbx_validate_rmsd_angle.PDB_ins_code_3 
_pdbx_validate_rmsd_angle.label_alt_id_3 
_pdbx_validate_rmsd_angle.angle_value 
_pdbx_validate_rmsd_angle.angle_target_value 
_pdbx_validate_rmsd_angle.angle_deviation 
_pdbx_validate_rmsd_angle.angle_standard_deviation 
_pdbx_validate_rmsd_angle.linker_flag 
1 1 NE A DAR 1  ? ? CZ A DAR 1  ? ? NH1 A DAR 1  ? ? 128.18 120.30 7.88  0.50 N 
2 1 NE A DAR 1  ? ? CZ A DAR 1  ? ? NH2 A DAR 1  ? ? 113.38 120.30 -6.92 0.50 N 
3 1 NE A ARG 2  ? ? CZ A ARG 2  ? ? NH1 A ARG 2  ? ? 124.73 120.30 4.43  0.50 N 
4 1 NE A ARG 2  ? ? CZ A ARG 2  ? ? NH2 A ARG 2  ? ? 114.30 120.30 -6.00 0.50 N 
5 1 NE A ARG 10 ? ? CZ A ARG 10 ? ? NH1 A ARG 10 ? ? 124.93 120.30 4.63  0.50 N 
6 1 NE A ARG 10 ? ? CZ A ARG 10 ? ? NH2 A ARG 10 ? ? 117.16 120.30 -3.14 0.50 N 
# 
loop_
_pdbx_validate_torsion.id 
_pdbx_validate_torsion.PDB_model_num 
_pdbx_validate_torsion.auth_comp_id 
_pdbx_validate_torsion.auth_asym_id 
_pdbx_validate_torsion.auth_seq_id 
_pdbx_validate_torsion.PDB_ins_code 
_pdbx_validate_torsion.label_alt_id 
_pdbx_validate_torsion.phi 
_pdbx_validate_torsion.psi 
1 1 PRO A 3 ? ? -32.35 104.86  
2 1 TIH A 6 ? ? 173.60 119.46  
3 1 IGL A 8 ? ? 81.17  -157.12 
4 1 OIC A 9 ? ? -93.07 59.25   
# 
_pdbx_validate_peptide_omega.id               1 
_pdbx_validate_peptide_omega.PDB_model_num    1 
_pdbx_validate_peptide_omega.auth_comp_id_1   GLY 
_pdbx_validate_peptide_omega.auth_asym_id_1   A 
_pdbx_validate_peptide_omega.auth_seq_id_1    5 
_pdbx_validate_peptide_omega.PDB_ins_code_1   ? 
_pdbx_validate_peptide_omega.label_alt_id_1   ? 
_pdbx_validate_peptide_omega.auth_comp_id_2   TIH 
_pdbx_validate_peptide_omega.auth_asym_id_2   A 
_pdbx_validate_peptide_omega.auth_seq_id_2    6 
_pdbx_validate_peptide_omega.PDB_ins_code_2   ? 
_pdbx_validate_peptide_omega.label_alt_id_2   ? 
_pdbx_validate_peptide_omega.omega            149.02 
# 
loop_
_pdbx_struct_mod_residue.id 
_pdbx_struct_mod_residue.label_asym_id 
_pdbx_struct_mod_residue.label_comp_id 
_pdbx_struct_mod_residue.label_seq_id 
_pdbx_struct_mod_residue.auth_asym_id 
_pdbx_struct_mod_residue.auth_comp_id 
_pdbx_struct_mod_residue.auth_seq_id 
_pdbx_struct_mod_residue.PDB_ins_code 
_pdbx_struct_mod_residue.parent_comp_id 
_pdbx_struct_mod_residue.details 
1 A HYP 4 A HYP 4 ? PRO 4-HYDROXYPROLINE                 
2 A TIH 6 A TIH 6 ? ALA 'BETA(2-THIENYL)ALANINE'         
3 A IGL 8 A IGL 8 ? GLY 'ALPHA-AMINO-2-INDANACETIC ACID' 
# 
_pdbx_nmr_ensemble.entry_id                                      1BDK 
_pdbx_nmr_ensemble.conformers_calculated_total_number            ? 
_pdbx_nmr_ensemble.conformers_submitted_total_number             1 
_pdbx_nmr_ensemble.conformer_selection_criteria                  ? 
_pdbx_nmr_ensemble.average_constraints_per_residue               ? 
_pdbx_nmr_ensemble.average_constraint_violations_per_residue     ? 
_pdbx_nmr_ensemble.maximum_distance_constraint_violation         ? 
_pdbx_nmr_ensemble.average_distance_constraint_violation         ? 
_pdbx_nmr_ensemble.maximum_upper_distance_constraint_violation   ? 
_pdbx_nmr_ensemble.maximum_lower_distance_constraint_violation   ? 
_pdbx_nmr_ensemble.distance_constraint_violation_method          ? 
_pdbx_nmr_ensemble.maximum_torsion_angle_constraint_violation    ? 
_pdbx_nmr_ensemble.average_torsion_angle_constraint_violation    ? 
_pdbx_nmr_ensemble.torsion_angle_constraint_violation_method     ? 
# 
_pdbx_nmr_software.classification   refinement 
_pdbx_nmr_software.name             BIOGRAF 
_pdbx_nmr_software.version          ? 
_pdbx_nmr_software.authors          'MOLECULAR SIMULATIONS,INC' 
_pdbx_nmr_software.ordinal          1 
# 
loop_
_chem_comp_atom.comp_id 
_chem_comp_atom.atom_id 
_chem_comp_atom.type_symbol 
_chem_comp_atom.pdbx_aromatic_flag 
_chem_comp_atom.pdbx_stereo_config 
_chem_comp_atom.pdbx_ordinal 
ARG N    N N N 1   
ARG CA   C N S 2   
ARG C    C N N 3   
ARG O    O N N 4   
ARG CB   C N N 5   
ARG CG   C N N 6   
ARG CD   C N N 7   
ARG NE   N N N 8   
ARG CZ   C N N 9   
ARG NH1  N N N 10  
ARG NH2  N N N 11  
ARG OXT  O N N 12  
ARG H    H N N 13  
ARG H2   H N N 14  
ARG HA   H N N 15  
ARG HB2  H N N 16  
ARG HB3  H N N 17  
ARG HG2  H N N 18  
ARG HG3  H N N 19  
ARG HD2  H N N 20  
ARG HD3  H N N 21  
ARG HE   H N N 22  
ARG HH11 H N N 23  
ARG HH12 H N N 24  
ARG HH21 H N N 25  
ARG HH22 H N N 26  
ARG HXT  H N N 27  
DAR N    N N N 28  
DAR CA   C N R 29  
DAR CB   C N N 30  
DAR CG   C N N 31  
DAR CD   C N N 32  
DAR NE   N N N 33  
DAR CZ   C N N 34  
DAR NH1  N N N 35  
DAR NH2  N N N 36  
DAR C    C N N 37  
DAR O    O N N 38  
DAR OXT  O N N 39  
DAR H    H N N 40  
DAR H2   H N N 41  
DAR HA   H N N 42  
DAR HB2  H N N 43  
DAR HB3  H N N 44  
DAR HG2  H N N 45  
DAR HG3  H N N 46  
DAR HD2  H N N 47  
DAR HD3  H N N 48  
DAR HE   H N N 49  
DAR HH11 H N N 50  
DAR HH12 H N N 51  
DAR HH21 H N N 52  
DAR HH22 H N N 53  
DAR HXT  H N N 54  
GLY N    N N N 55  
GLY CA   C N N 56  
GLY C    C N N 57  
GLY O    O N N 58  
GLY OXT  O N N 59  
GLY H    H N N 60  
GLY H2   H N N 61  
GLY HA2  H N N 62  
GLY HA3  H N N 63  
GLY HXT  H N N 64  
HYP N    N N N 65  
HYP CA   C N S 66  
HYP C    C N N 67  
HYP O    O N N 68  
HYP CB   C N N 69  
HYP CG   C N R 70  
HYP CD   C N N 71  
HYP OD1  O N N 72  
HYP OXT  O N N 73  
HYP H    H N N 74  
HYP HA   H N N 75  
HYP HB2  H N N 76  
HYP HB3  H N N 77  
HYP HG   H N N 78  
HYP HD22 H N N 79  
HYP HD23 H N N 80  
HYP HD1  H N N 81  
HYP HXT  H N N 82  
IGL N    N N N 83  
IGL CA   C N R 84  
IGL C    C N N 85  
IGL O    O N N 86  
IGL OXT  O N N 87  
IGL CB   C N N 88  
IGL CG1  C N N 89  
IGL CG2  C N N 90  
IGL CD1  C Y N 91  
IGL CE1  C Y N 92  
IGL CH1  C Y N 93  
IGL CH2  C Y N 94  
IGL CE2  C Y N 95  
IGL CD2  C Y N 96  
IGL H    H N N 97  
IGL H2   H N N 98  
IGL HA   H N N 99  
IGL HXT  H N N 100 
IGL HB   H N N 101 
IGL HG12 H N N 102 
IGL HG13 H N N 103 
IGL HG22 H N N 104 
IGL HG23 H N N 105 
IGL HE1  H N N 106 
IGL HH1  H N N 107 
IGL HH2  H N N 108 
IGL HE2  H N N 109 
OIC N    N N N 110 
OIC CA   C N S 111 
OIC C    C N N 112 
OIC O    O N N 113 
OIC OXT  O N N 114 
OIC CB   C N N 115 
OIC CG   C N S 116 
OIC CD   C N S 117 
OIC C4   C N N 118 
OIC C5   C N N 119 
OIC C6   C N N 120 
OIC C7   C N N 121 
OIC H    H N N 122 
OIC HA   H N N 123 
OIC HXT  H N N 124 
OIC HB2  H N N 125 
OIC HB3  H N N 126 
OIC HG   H N N 127 
OIC HD   H N N 128 
OIC H41  H N N 129 
OIC H42  H N N 130 
OIC H51  H N N 131 
OIC H52  H N N 132 
OIC H61  H N N 133 
OIC H62  H N N 134 
OIC H71  H N N 135 
OIC H72  H N N 136 
PRO N    N N N 137 
PRO CA   C N S 138 
PRO C    C N N 139 
PRO O    O N N 140 
PRO CB   C N N 141 
PRO CG   C N N 142 
PRO CD   C N N 143 
PRO OXT  O N N 144 
PRO H    H N N 145 
PRO HA   H N N 146 
PRO HB2  H N N 147 
PRO HB3  H N N 148 
PRO HG2  H N N 149 
PRO HG3  H N N 150 
PRO HD2  H N N 151 
PRO HD3  H N N 152 
PRO HXT  H N N 153 
SER N    N N N 154 
SER CA   C N S 155 
SER C    C N N 156 
SER O    O N N 157 
SER CB   C N N 158 
SER OG   O N N 159 
SER OXT  O N N 160 
SER H    H N N 161 
SER H2   H N N 162 
SER HA   H N N 163 
SER HB2  H N N 164 
SER HB3  H N N 165 
SER HG   H N N 166 
SER HXT  H N N 167 
TIH N    N N N 168 
TIH CA   C N S 169 
TIH C    C N N 170 
TIH O    O N N 171 
TIH OXT  O N N 172 
TIH CB   C N N 173 
TIH CG   C Y N 174 
TIH CD   C Y N 175 
TIH CE1  C Y N 176 
TIH CE2  C Y N 177 
TIH SD   S Y N 178 
TIH H    H N N 179 
TIH H2   H N N 180 
TIH HA   H N N 181 
TIH HXT  H N N 182 
TIH HB2  H N N 183 
TIH HB3  H N N 184 
TIH HD   H N N 185 
TIH HE1  H N N 186 
TIH HE2  H N N 187 
# 
loop_
_chem_comp_bond.comp_id 
_chem_comp_bond.atom_id_1 
_chem_comp_bond.atom_id_2 
_chem_comp_bond.value_order 
_chem_comp_bond.pdbx_aromatic_flag 
_chem_comp_bond.pdbx_stereo_config 
_chem_comp_bond.pdbx_ordinal 
ARG N   CA   sing N N 1   
ARG N   H    sing N N 2   
ARG N   H2   sing N N 3   
ARG CA  C    sing N N 4   
ARG CA  CB   sing N N 5   
ARG CA  HA   sing N N 6   
ARG C   O    doub N N 7   
ARG C   OXT  sing N N 8   
ARG CB  CG   sing N N 9   
ARG CB  HB2  sing N N 10  
ARG CB  HB3  sing N N 11  
ARG CG  CD   sing N N 12  
ARG CG  HG2  sing N N 13  
ARG CG  HG3  sing N N 14  
ARG CD  NE   sing N N 15  
ARG CD  HD2  sing N N 16  
ARG CD  HD3  sing N N 17  
ARG NE  CZ   sing N N 18  
ARG NE  HE   sing N N 19  
ARG CZ  NH1  sing N N 20  
ARG CZ  NH2  doub N N 21  
ARG NH1 HH11 sing N N 22  
ARG NH1 HH12 sing N N 23  
ARG NH2 HH21 sing N N 24  
ARG NH2 HH22 sing N N 25  
ARG OXT HXT  sing N N 26  
DAR N   CA   sing N N 27  
DAR N   H    sing N N 28  
DAR N   H2   sing N N 29  
DAR CA  CB   sing N N 30  
DAR CA  C    sing N N 31  
DAR CA  HA   sing N N 32  
DAR CB  CG   sing N N 33  
DAR CB  HB2  sing N N 34  
DAR CB  HB3  sing N N 35  
DAR CG  CD   sing N N 36  
DAR CG  HG2  sing N N 37  
DAR CG  HG3  sing N N 38  
DAR CD  NE   sing N N 39  
DAR CD  HD2  sing N N 40  
DAR CD  HD3  sing N N 41  
DAR NE  CZ   sing N N 42  
DAR NE  HE   sing N N 43  
DAR CZ  NH1  sing N N 44  
DAR CZ  NH2  doub N N 45  
DAR NH1 HH11 sing N N 46  
DAR NH1 HH12 sing N N 47  
DAR NH2 HH21 sing N N 48  
DAR NH2 HH22 sing N N 49  
DAR C   O    doub N N 50  
DAR C   OXT  sing N N 51  
DAR OXT HXT  sing N N 52  
GLY N   CA   sing N N 53  
GLY N   H    sing N N 54  
GLY N   H2   sing N N 55  
GLY CA  C    sing N N 56  
GLY CA  HA2  sing N N 57  
GLY CA  HA3  sing N N 58  
GLY C   O    doub N N 59  
GLY C   OXT  sing N N 60  
GLY OXT HXT  sing N N 61  
HYP N   CA   sing N N 62  
HYP N   CD   sing N N 63  
HYP N   H    sing N N 64  
HYP CA  C    sing N N 65  
HYP CA  CB   sing N N 66  
HYP CA  HA   sing N N 67  
HYP C   O    doub N N 68  
HYP C   OXT  sing N N 69  
HYP CB  CG   sing N N 70  
HYP CB  HB2  sing N N 71  
HYP CB  HB3  sing N N 72  
HYP CG  CD   sing N N 73  
HYP CG  OD1  sing N N 74  
HYP CG  HG   sing N N 75  
HYP CD  HD22 sing N N 76  
HYP CD  HD23 sing N N 77  
HYP OD1 HD1  sing N N 78  
HYP OXT HXT  sing N N 79  
IGL N   CA   sing N N 80  
IGL N   H    sing N N 81  
IGL N   H2   sing N N 82  
IGL CA  C    sing N N 83  
IGL CA  CB   sing N N 84  
IGL CA  HA   sing N N 85  
IGL C   O    doub N N 86  
IGL C   OXT  sing N N 87  
IGL OXT HXT  sing N N 88  
IGL CB  CG1  sing N N 89  
IGL CB  CG2  sing N N 90  
IGL CB  HB   sing N N 91  
IGL CG1 CD1  sing N N 92  
IGL CG1 HG12 sing N N 93  
IGL CG1 HG13 sing N N 94  
IGL CG2 CD2  sing N N 95  
IGL CG2 HG22 sing N N 96  
IGL CG2 HG23 sing N N 97  
IGL CD1 CE1  doub Y N 98  
IGL CD1 CD2  sing Y N 99  
IGL CE1 CH1  sing Y N 100 
IGL CE1 HE1  sing N N 101 
IGL CH1 CH2  doub Y N 102 
IGL CH1 HH1  sing N N 103 
IGL CH2 CE2  sing Y N 104 
IGL CH2 HH2  sing N N 105 
IGL CE2 CD2  doub Y N 106 
IGL CE2 HE2  sing N N 107 
OIC N   CA   sing N N 108 
OIC N   CD   sing N N 109 
OIC N   H    sing N N 110 
OIC CA  C    sing N N 111 
OIC CA  CB   sing N N 112 
OIC CA  HA   sing N N 113 
OIC C   O    doub N N 114 
OIC C   OXT  sing N N 115 
OIC OXT HXT  sing N N 116 
OIC CB  CG   sing N N 117 
OIC CB  HB2  sing N N 118 
OIC CB  HB3  sing N N 119 
OIC CG  CD   sing N N 120 
OIC CG  C4   sing N N 121 
OIC CG  HG   sing N N 122 
OIC CD  C7   sing N N 123 
OIC CD  HD   sing N N 124 
OIC C4  C5   sing N N 125 
OIC C4  H41  sing N N 126 
OIC C4  H42  sing N N 127 
OIC C5  C6   sing N N 128 
OIC C5  H51  sing N N 129 
OIC C5  H52  sing N N 130 
OIC C6  C7   sing N N 131 
OIC C6  H61  sing N N 132 
OIC C6  H62  sing N N 133 
OIC C7  H71  sing N N 134 
OIC C7  H72  sing N N 135 
PRO N   CA   sing N N 136 
PRO N   CD   sing N N 137 
PRO N   H    sing N N 138 
PRO CA  C    sing N N 139 
PRO CA  CB   sing N N 140 
PRO CA  HA   sing N N 141 
PRO C   O    doub N N 142 
PRO C   OXT  sing N N 143 
PRO CB  CG   sing N N 144 
PRO CB  HB2  sing N N 145 
PRO CB  HB3  sing N N 146 
PRO CG  CD   sing N N 147 
PRO CG  HG2  sing N N 148 
PRO CG  HG3  sing N N 149 
PRO CD  HD2  sing N N 150 
PRO CD  HD3  sing N N 151 
PRO OXT HXT  sing N N 152 
SER N   CA   sing N N 153 
SER N   H    sing N N 154 
SER N   H2   sing N N 155 
SER CA  C    sing N N 156 
SER CA  CB   sing N N 157 
SER CA  HA   sing N N 158 
SER C   O    doub N N 159 
SER C   OXT  sing N N 160 
SER CB  OG   sing N N 161 
SER CB  HB2  sing N N 162 
SER CB  HB3  sing N N 163 
SER OG  HG   sing N N 164 
SER OXT HXT  sing N N 165 
TIH N   CA   sing N N 166 
TIH N   H    sing N N 167 
TIH N   H2   sing N N 168 
TIH CA  C    sing N N 169 
TIH CA  CB   sing N N 170 
TIH CA  HA   sing N N 171 
TIH C   O    doub N N 172 
TIH C   OXT  sing N N 173 
TIH OXT HXT  sing N N 174 
TIH CB  CG   sing N N 175 
TIH CB  HB2  sing N N 176 
TIH CB  HB3  sing N N 177 
TIH CG  CD   doub Y N 178 
TIH CG  SD   sing Y N 179 
TIH CD  CE1  sing Y N 180 
TIH CD  HD   sing N N 181 
TIH CE1 CE2  doub Y N 182 
TIH CE1 HE1  sing N N 183 
TIH CE2 SD   sing Y N 184 
TIH CE2 HE2  sing N N 185 
# 
_atom_sites.entry_id                    1BDK 
_atom_sites.fract_transf_matrix[1][1]   1.000000 
_atom_sites.fract_transf_matrix[1][2]   0.000000 
_atom_sites.fract_transf_matrix[1][3]   0.000000 
_atom_sites.fract_transf_matrix[2][1]   0.000000 
_atom_sites.fract_transf_matrix[2][2]   1.000000 
_atom_sites.fract_transf_matrix[2][3]   0.000000 
_atom_sites.fract_transf_matrix[3][1]   0.000000 
_atom_sites.fract_transf_matrix[3][2]   0.000000 
_atom_sites.fract_transf_matrix[3][3]   1.000000 
_atom_sites.fract_transf_vector[1]      0.00000 
_atom_sites.fract_transf_vector[2]      0.00000 
_atom_sites.fract_transf_vector[3]      0.00000 
# 
loop_
_atom_type.symbol 
C 
H 
N 
O 
S 
# 
loop_
_atom_site.group_PDB 
_atom_site.id 
_atom_site.type_symbol 
_atom_site.label_atom_id 
_atom_site.label_alt_id 
_atom_site.label_comp_id 
_atom_site.label_asym_id 
_atom_site.label_entity_id 
_atom_site.label_seq_id 
_atom_site.pdbx_PDB_ins_code 
_atom_site.Cartn_x 
_atom_site.Cartn_y 
_atom_site.Cartn_z 
_atom_site.occupancy 
_atom_site.B_iso_or_equiv 
_atom_site.pdbx_formal_charge 
_atom_site.auth_seq_id 
_atom_site.auth_comp_id 
_atom_site.auth_asym_id 
_atom_site.auth_atom_id 
_atom_site.pdbx_PDB_model_num 
HETATM 1   N N    . DAR A 1 1  ? -3.486  1.605   8.558  1.00 0.00 ? 1  DAR A N    1 
HETATM 2   C CA   . DAR A 1 1  ? -4.429  1.625   7.407  1.00 0.00 ? 1  DAR A CA   1 
HETATM 3   C CB   . DAR A 1 1  ? -5.801  1.150   7.966  1.00 0.00 ? 1  DAR A CB   1 
HETATM 4   C CG   . DAR A 1 1  ? -7.014  1.283   6.994  1.00 0.00 ? 1  DAR A CG   1 
HETATM 5   C CD   . DAR A 1 1  ? -7.391  2.740   6.628  1.00 0.00 ? 1  DAR A CD   1 
HETATM 6   N NE   . DAR A 1 1  ? -8.598  2.700   5.868  1.00 0.00 ? 1  DAR A NE   1 
HETATM 7   C CZ   . DAR A 1 1  ? -8.781  2.900   4.559  1.00 0.00 ? 1  DAR A CZ   1 
HETATM 8   N NH1  . DAR A 1 1  ? -7.870  3.195   3.639  1.00 0.00 ? 1  DAR A NH1  1 
HETATM 9   N NH2  . DAR A 1 1  ? -10.036 2.774   4.181  1.00 0.00 ? 1  DAR A NH2  1 
HETATM 10  C C    . DAR A 1 1  ? -3.901  0.779   6.293  1.00 0.00 ? 1  DAR A C    1 
HETATM 11  O O    . DAR A 1 1  ? -3.572  -0.400  6.578  1.00 0.00 ? 1  DAR A O    1 
HETATM 12  H H1   . DAR A 1 1  ? -3.258  0.635   8.808  1.00 0.00 ? 1  DAR A H1   1 
HETATM 13  H H2   . DAR A 1 1  ? -2.606  2.071   8.313  1.00 0.00 ? 1  DAR A H2   1 
HETATM 14  H H3   . DAR A 1 1  ? -3.866  2.050   9.389  1.00 0.00 ? 1  DAR A H3   1 
HETATM 15  H HA   . DAR A 1 1  ? -4.514  2.657   7.050  1.00 0.00 ? 1  DAR A HA   1 
HETATM 16  H HB2  . DAR A 1 1  ? -5.689  0.101   8.269  1.00 0.00 ? 1  DAR A HB2  1 
HETATM 17  H HB3  . DAR A 1 1  ? -6.027  1.717   8.878  1.00 0.00 ? 1  DAR A HB3  1 
HETATM 18  H HG2  . DAR A 1 1  ? -6.837  0.724   6.068  1.00 0.00 ? 1  DAR A HG2  1 
HETATM 19  H HG3  . DAR A 1 1  ? -7.889  0.819   7.469  1.00 0.00 ? 1  DAR A HG3  1 
HETATM 20  H HD2  . DAR A 1 1  ? -7.555  3.335   7.534  1.00 0.00 ? 1  DAR A HD2  1 
HETATM 21  H HD3  . DAR A 1 1  ? -6.596  3.225   6.063  1.00 0.00 ? 1  DAR A HD3  1 
HETATM 22  H HE   . DAR A 1 1  ? -9.427  2.482   6.311  1.00 0.00 ? 1  DAR A HE   1 
HETATM 23  H HH11 . DAR A 1 1  ? -6.947  3.310   3.872  1.00 0.00 ? 1  DAR A HH11 1 
HETATM 24  H HH12 . DAR A 1 1  ? -8.140  3.360   2.731  1.00 0.00 ? 1  DAR A HH12 1 
HETATM 25  H HH21 . DAR A 1 1  ? -10.678 2.589   4.870  1.00 0.00 ? 1  DAR A HH21 1 
HETATM 26  H HH22 . DAR A 1 1  ? -10.278 2.851   3.254  1.00 0.00 ? 1  DAR A HH22 1 
ATOM   27  N N    . ARG A 1 2  ? -3.727  1.287   5.046  1.00 0.00 ? 2  ARG A N    1 
ATOM   28  C CA   . ARG A 1 2  ? -3.032  0.687   3.943  1.00 0.00 ? 2  ARG A CA   1 
ATOM   29  C C    . ARG A 1 2  ? -2.205  1.731   3.232  1.00 0.00 ? 2  ARG A C    1 
ATOM   30  O O    . ARG A 1 2  ? -2.463  1.964   2.022  1.00 0.00 ? 2  ARG A O    1 
ATOM   31  C CB   . ARG A 1 2  ? -4.047  -0.173  3.109  1.00 0.00 ? 2  ARG A CB   1 
ATOM   32  C CG   . ARG A 1 2  ? -5.455  0.413   2.765  1.00 0.00 ? 2  ARG A CG   1 
ATOM   33  C CD   . ARG A 1 2  ? -5.539  1.305   1.498  1.00 0.00 ? 2  ARG A CD   1 
ATOM   34  N NE   . ARG A 1 2  ? -5.522  0.497   0.314  1.00 0.00 ? 2  ARG A NE   1 
ATOM   35  C CZ   . ARG A 1 2  ? -4.569  0.393   -0.618 1.00 0.00 ? 2  ARG A CZ   1 
ATOM   36  N NH1  . ARG A 1 2  ? -3.352  0.916   -0.517 1.00 0.00 ? 2  ARG A NH1  1 
ATOM   37  N NH2  . ARG A 1 2  ? -4.903  -0.363  -1.661 1.00 0.00 ? 2  ARG A NH2  1 
ATOM   38  H H    . ARG A 1 2  ? -4.121  2.143   4.848  1.00 0.00 ? 2  ARG A H    1 
ATOM   39  H HA   . ARG A 1 2  ? -2.287  -0.021  4.315  1.00 0.00 ? 2  ARG A HA   1 
ATOM   40  H HB2  . ARG A 1 2  ? -3.569  -0.499  2.179  1.00 0.00 ? 2  ARG A HB2  1 
ATOM   41  H HB3  . ARG A 1 2  ? -4.216  -1.084  3.698  1.00 0.00 ? 2  ARG A HB3  1 
ATOM   42  H HG2  . ARG A 1 2  ? -6.147  -0.424  2.603  1.00 0.00 ? 2  ARG A HG2  1 
ATOM   43  H HG3  . ARG A 1 2  ? -5.841  0.968   3.622  1.00 0.00 ? 2  ARG A HG3  1 
ATOM   44  H HD2  . ARG A 1 2  ? -6.505  1.825   1.494  1.00 0.00 ? 2  ARG A HD2  1 
ATOM   45  H HD3  . ARG A 1 2  ? -4.778  2.088   1.505  1.00 0.00 ? 2  ARG A HD3  1 
ATOM   46  H HE   . ARG A 1 2  ? -6.286  -0.062  0.132  1.00 0.00 ? 2  ARG A HE   1 
ATOM   47  H HH11 . ARG A 1 2  ? -3.086  1.287   0.331  1.00 0.00 ? 2  ARG A HH11 1 
ATOM   48  H HH12 . ARG A 1 2  ? -2.776  0.954   -1.282 1.00 0.00 ? 2  ARG A HH12 1 
ATOM   49  H HH21 . ARG A 1 2  ? -5.820  -0.668  -1.689 1.00 0.00 ? 2  ARG A HH21 1 
ATOM   50  H HH22 . ARG A 1 2  ? -4.247  -0.639  -2.306 1.00 0.00 ? 2  ARG A HH22 1 
ATOM   51  N N    . PRO A 1 3  ? -1.169  2.414   3.833  1.00 0.00 ? 3  PRO A N    1 
ATOM   52  C CA   . PRO A 1 3  ? -0.367  3.423   3.176  1.00 0.00 ? 3  PRO A CA   1 
ATOM   53  C C    . PRO A 1 3  ? -0.097  3.305   1.707  1.00 0.00 ? 3  PRO A C    1 
ATOM   54  O O    . PRO A 1 3  ? 0.740   2.446   1.308  1.00 0.00 ? 3  PRO A O    1 
ATOM   55  C CB   . PRO A 1 3  ? 0.937   3.383   4.009  1.00 0.00 ? 3  PRO A CB   1 
ATOM   56  C CG   . PRO A 1 3  ? 0.441   3.128   5.438  1.00 0.00 ? 3  PRO A CG   1 
ATOM   57  C CD   . PRO A 1 3  ? -0.787  2.233   5.210  1.00 0.00 ? 3  PRO A CD   1 
ATOM   58  H HA   . PRO A 1 3  ? -0.850  4.386   3.358  1.00 0.00 ? 3  PRO A HA   1 
ATOM   59  H HB2  . PRO A 1 3  ? 1.566   2.541   3.692  1.00 0.00 ? 3  PRO A HB2  1 
ATOM   60  H HB3  . PRO A 1 3  ? 1.518   4.307   3.938  1.00 0.00 ? 3  PRO A HB3  1 
ATOM   61  H HG2  . PRO A 1 3  ? 1.207   2.644   6.054  1.00 0.00 ? 3  PRO A HG2  1 
ATOM   62  H HG3  . PRO A 1 3  ? 0.140   4.066   5.922  1.00 0.00 ? 3  PRO A HG3  1 
ATOM   63  H HD2  . PRO A 1 3  ? -0.534  1.185   5.417  1.00 0.00 ? 3  PRO A HD2  1 
ATOM   64  H HD3  . PRO A 1 3  ? -1.593  2.547   5.880  1.00 0.00 ? 3  PRO A HD3  1 
HETATM 65  N N    . HYP A 1 4  ? -0.702  4.066   0.739  1.00 0.00 ? 4  HYP A N    1 
HETATM 66  C CA   . HYP A 1 4  ? -0.207  4.065   -0.615 1.00 0.00 ? 4  HYP A CA   1 
HETATM 67  C C    . HYP A 1 4  ? 1.202   4.558   -0.674 1.00 0.00 ? 4  HYP A C    1 
HETATM 68  O O    . HYP A 1 4  ? 1.543   5.592   -0.064 1.00 0.00 ? 4  HYP A O    1 
HETATM 69  C CB   . HYP A 1 4  ? -1.225  4.909   -1.398 1.00 0.00 ? 4  HYP A CB   1 
HETATM 70  C CG   . HYP A 1 4  ? -2.460  4.963   -0.494 1.00 0.00 ? 4  HYP A CG   1 
HETATM 71  C CD   . HYP A 1 4  ? -1.833  4.941   0.908  1.00 0.00 ? 4  HYP A CD   1 
HETATM 72  O OD1  . HYP A 1 4  ? -3.258  3.793   -0.675 1.00 0.00 ? 4  HYP A OD1  1 
HETATM 73  H HA   . HYP A 1 4  ? -0.249  3.039   -0.998 1.00 0.00 ? 4  HYP A HA   1 
HETATM 74  H HB2  . HYP A 1 4  ? -1.459  4.473   -2.374 1.00 0.00 ? 4  HYP A HB2  1 
HETATM 75  H HB3  . HYP A 1 4  ? -0.836  5.920   -1.534 1.00 0.00 ? 4  HYP A HB3  1 
HETATM 76  H HG   . HYP A 1 4  ? -3.056  5.865   -0.696 1.00 0.00 ? 4  HYP A HG   1 
HETATM 77  H HD22 . HYP A 1 4  ? -2.575  4.600   1.641  1.00 0.00 ? 4  HYP A HD22 1 
HETATM 78  H HD23 . HYP A 1 4  ? -1.484  5.943   1.184  1.00 0.00 ? 4  HYP A HD23 1 
HETATM 79  H HD1  . HYP A 1 4  ? -2.880  3.108   -0.067 1.00 0.00 ? 4  HYP A HD1  1 
ATOM   80  N N    . GLY A 1 5  ? 2.125   3.831   -1.328 1.00 0.00 ? 5  GLY A N    1 
ATOM   81  C CA   . GLY A 1 5  ? 3.549   3.834   -1.131 1.00 0.00 ? 5  GLY A CA   1 
ATOM   82  C C    . GLY A 1 5  ? 3.991   2.434   -1.259 1.00 0.00 ? 5  GLY A C    1 
ATOM   83  O O    . GLY A 1 5  ? 4.962   2.192   -2.006 1.00 0.00 ? 5  GLY A O    1 
ATOM   84  H H    . GLY A 1 5  ? 1.760   3.186   -1.939 1.00 0.00 ? 5  GLY A H    1 
ATOM   85  H HA2  . GLY A 1 5  ? 4.027   4.457   -1.891 1.00 0.00 ? 5  GLY A HA2  1 
ATOM   86  H HA3  . GLY A 1 5  ? 3.855   4.198   -0.149 1.00 0.00 ? 5  GLY A HA3  1 
HETATM 87  N N    . TIH A 1 6  ? 3.237   1.484   -0.659 1.00 0.00 ? 6  TIH A N    1 
HETATM 88  C CA   . TIH A 1 6  ? 3.036   0.126   -1.068 1.00 0.00 ? 6  TIH A CA   1 
HETATM 89  C C    . TIH A 1 6  ? 2.257   -0.578  -0.018 1.00 0.00 ? 6  TIH A C    1 
HETATM 90  O O    . TIH A 1 6  ? 2.717   -0.695  1.142  1.00 0.00 ? 6  TIH A O    1 
HETATM 91  C CB   . TIH A 1 6  ? 4.140   -0.727  -1.788 1.00 0.00 ? 6  TIH A CB   1 
HETATM 92  C CG   . TIH A 1 6  ? 5.201   -1.478  -1.076 1.00 0.00 ? 6  TIH A CG   1 
HETATM 93  C CD   . TIH A 1 6  ? 5.945   -2.448  -1.759 1.00 0.00 ? 6  TIH A CD   1 
HETATM 94  C CE1  . TIH A 1 6  ? 6.842   -3.124  -0.950 1.00 0.00 ? 6  TIH A CE1  1 
HETATM 95  C CE2  . TIH A 1 6  ? 6.797   -2.647  0.351  1.00 0.00 ? 6  TIH A CE2  1 
HETATM 96  S SD   . TIH A 1 6  ? 5.699   -1.321  0.585  1.00 0.00 ? 6  TIH A SD   1 
HETATM 97  H H    . TIH A 1 6  ? 2.591   1.814   -0.008 1.00 0.00 ? 6  TIH A H    1 
HETATM 98  H HA   . TIH A 1 6  ? 2.332   0.284   -1.885 1.00 0.00 ? 6  TIH A HA   1 
HETATM 99  H HB2  . TIH A 1 6  ? 3.597   -1.489  -2.346 1.00 0.00 ? 6  TIH A HB2  1 
HETATM 100 H HB3  . TIH A 1 6  ? 4.629   -0.125  -2.552 1.00 0.00 ? 6  TIH A HB3  1 
HETATM 101 H HD   . TIH A 1 6  ? 5.825   -2.661  -2.753 1.00 0.00 ? 6  TIH A HD   1 
HETATM 102 H HE1  . TIH A 1 6  ? 7.451   -3.883  -1.274 1.00 0.00 ? 6  TIH A HE1  1 
HETATM 103 H HE2  . TIH A 1 6  ? 7.364   -3.044  1.100  1.00 0.00 ? 6  TIH A HE2  1 
ATOM   104 N N    . SER A 1 7  ? 1.052   -1.105  -0.347 1.00 0.00 ? 7  SER A N    1 
ATOM   105 C CA   . SER A 1 7  ? 0.279   -2.027  0.445  1.00 0.00 ? 7  SER A CA   1 
ATOM   106 C C    . SER A 1 7  ? 0.440   -3.391  -0.152 1.00 0.00 ? 7  SER A C    1 
ATOM   107 O O    . SER A 1 7  ? -0.486  -4.230  -0.267 1.00 0.00 ? 7  SER A O    1 
ATOM   108 C CB   . SER A 1 7  ? -1.171  -1.487  0.467  1.00 0.00 ? 7  SER A CB   1 
ATOM   109 O OG   . SER A 1 7  ? -1.954  -2.343  1.294  1.00 0.00 ? 7  SER A OG   1 
ATOM   110 H H    . SER A 1 7  ? 0.756   -0.947  -1.256 1.00 0.00 ? 7  SER A H    1 
ATOM   111 H HA   . SER A 1 7  ? 0.638   -2.091  1.478  1.00 0.00 ? 7  SER A HA   1 
ATOM   112 H HB2  . SER A 1 7  ? -1.197  -0.470  0.876  1.00 0.00 ? 7  SER A HB2  1 
ATOM   113 H HB3  . SER A 1 7  ? -1.587  -1.455  -0.550 1.00 0.00 ? 7  SER A HB3  1 
ATOM   114 H HG   . SER A 1 7  ? -1.743  -3.224  0.915  1.00 0.00 ? 7  SER A HG   1 
HETATM 115 N N    . IGL A 1 8  ? 1.668   -3.706  -0.615 1.00 0.00 ? 8  IGL A N    1 
HETATM 116 C CA   . IGL A 1 8  ? 2.006   -4.691  -1.623 1.00 0.00 ? 8  IGL A CA   1 
HETATM 117 C C    . IGL A 1 8  ? 1.790   -4.108  -3.004 1.00 0.00 ? 8  IGL A C    1 
HETATM 118 O O    . IGL A 1 8  ? 1.686   -2.862  -3.095 1.00 0.00 ? 8  IGL A O    1 
HETATM 119 C CB   . IGL A 1 8  ? 3.478   -5.102  -1.233 1.00 0.00 ? 8  IGL A CB   1 
HETATM 120 C CG1  . IGL A 1 8  ? 3.502   -6.168  -0.099 1.00 0.00 ? 8  IGL A CG1  1 
HETATM 121 C CG2  . IGL A 1 8  ? 4.345   -5.750  -2.343 1.00 0.00 ? 8  IGL A CG2  1 
HETATM 122 C CD1  . IGL A 1 8  ? 3.732   -7.423  -0.820 1.00 0.00 ? 8  IGL A CD1  1 
HETATM 123 C CE1  . IGL A 1 8  ? 3.546   -8.740  -0.364 1.00 0.00 ? 8  IGL A CE1  1 
HETATM 124 C CH1  . IGL A 1 8  ? 3.902   -9.817  -1.205 1.00 0.00 ? 8  IGL A CH1  1 
HETATM 125 C CH2  . IGL A 1 8  ? 4.433   -9.570  -2.489 1.00 0.00 ? 8  IGL A CH2  1 
HETATM 126 C CE2  . IGL A 1 8  ? 4.621   -8.244  -2.938 1.00 0.00 ? 8  IGL A CE2  1 
HETATM 127 C CD2  . IGL A 1 8  ? 4.247   -7.184  -2.091 1.00 0.00 ? 8  IGL A CD2  1 
HETATM 128 H H    . IGL A 1 8  ? 2.382   -3.105  -0.335 1.00 0.00 ? 8  IGL A H    1 
HETATM 129 H HA   . IGL A 1 8  ? 1.342   -5.559  -1.544 1.00 0.00 ? 8  IGL A HA   1 
HETATM 130 H HB   . IGL A 1 8  ? 4.014   -4.206  -0.890 1.00 0.00 ? 8  IGL A HB   1 
HETATM 131 H HG12 . IGL A 1 8  ? 2.573   -6.194  0.472  1.00 0.00 ? 8  IGL A HG12 1 
HETATM 132 H HG13 . IGL A 1 8  ? 4.340   -5.995  0.589  1.00 0.00 ? 8  IGL A HG13 1 
HETATM 133 H HG22 . IGL A 1 8  ? 5.398   -5.471  -2.247 1.00 0.00 ? 8  IGL A HG22 1 
HETATM 134 H HG23 . IGL A 1 8  ? 4.013   -5.479  -3.336 1.00 0.00 ? 8  IGL A HG23 1 
HETATM 135 H HE1  . IGL A 1 8  ? 3.185   -8.908  0.578  1.00 0.00 ? 8  IGL A HE1  1 
HETATM 136 H HH1  . IGL A 1 8  ? 3.795   -10.784 -0.879 1.00 0.00 ? 8  IGL A HH1  1 
HETATM 137 H HH2  . IGL A 1 8  ? 4.690   -10.357 -3.089 1.00 0.00 ? 8  IGL A HH2  1 
HETATM 138 H HE2  . IGL A 1 8  ? 5.027   -8.051  -3.859 1.00 0.00 ? 8  IGL A HE2  1 
HETATM 139 N N    . OIC A 1 9  ? 1.570   -4.790  -4.180 1.00 0.00 ? 9  OIC A N    1 
HETATM 140 C CA   . OIC A 1 9  ? 1.411   -4.110  -5.451 1.00 0.00 ? 9  OIC A CA   1 
HETATM 141 C C    . OIC A 1 9  ? -0.021  -3.829  -5.782 1.00 0.00 ? 9  OIC A C    1 
HETATM 142 O O    . OIC A 1 9  ? -0.536  -4.311  -6.815 1.00 0.00 ? 9  OIC A O    1 
HETATM 143 C CB   . OIC A 1 9  ? 2.184   -5.070  -6.397 1.00 0.00 ? 9  OIC A CB   1 
HETATM 144 C CG   . OIC A 1 9  ? 2.171   -6.467  -5.731 1.00 0.00 ? 9  OIC A CG   1 
HETATM 145 C CD   . OIC A 1 9  ? 1.513   -6.222  -4.340 1.00 0.00 ? 9  OIC A CD   1 
HETATM 146 C C4   . OIC A 1 9  ? 1.495   -7.593  -6.581 1.00 0.00 ? 9  OIC A C4   1 
HETATM 147 C C5   . OIC A 1 9  ? 1.095   -8.767  -5.641 1.00 0.00 ? 9  OIC A C5   1 
HETATM 148 C C6   . OIC A 1 9  ? 0.030   -8.335  -4.584 1.00 0.00 ? 9  OIC A C6   1 
HETATM 149 C C7   . OIC A 1 9  ? 0.082   -6.815  -4.248 1.00 0.00 ? 9  OIC A C7   1 
HETATM 150 H HA   . OIC A 1 9  ? 1.907   -3.133  -5.467 1.00 0.00 ? 9  OIC A HA   1 
HETATM 151 H HB2  . OIC A 1 9  ? 3.216   -4.719  -6.475 1.00 0.00 ? 9  OIC A HB2  1 
HETATM 152 H HB3  . OIC A 1 9  ? 1.758   -5.069  -7.402 1.00 0.00 ? 9  OIC A HB3  1 
HETATM 153 H HG   . OIC A 1 9  ? 3.212   -6.771  -5.568 1.00 0.00 ? 9  OIC A HG   1 
HETATM 154 H HD   . OIC A 1 9  ? 2.089   -6.745  -3.580 1.00 0.00 ? 9  OIC A HD   1 
HETATM 155 H H41  . OIC A 1 9  ? 2.185   -7.940  -7.366 1.00 0.00 ? 9  OIC A H41  1 
HETATM 156 H H42  . OIC A 1 9  ? 0.591   -7.214  -7.079 1.00 0.00 ? 9  OIC A H42  1 
HETATM 157 H H51  . OIC A 1 9  ? 1.994   -9.144  -5.134 1.00 0.00 ? 9  OIC A H51  1 
HETATM 158 H H52  . OIC A 1 9  ? 0.697   -9.598  -6.229 1.00 0.00 ? 9  OIC A H52  1 
HETATM 159 H H61  . OIC A 1 9  ? 0.154   -8.922  -3.667 1.00 0.00 ? 9  OIC A H61  1 
HETATM 160 H H62  . OIC A 1 9  ? -0.975  -8.572  -4.961 1.00 0.00 ? 9  OIC A H62  1 
HETATM 161 H H71  . OIC A 1 9  ? -0.570  -6.297  -4.950 1.00 0.00 ? 9  OIC A H71  1 
HETATM 162 H H72  . OIC A 1 9  ? -0.303  -6.646  -3.248 1.00 0.00 ? 9  OIC A H72  1 
ATOM   163 N N    . ARG A 1 10 ? -0.799  -3.070  -4.966 1.00 0.00 ? 10 ARG A N    1 
ATOM   164 C CA   . ARG A 1 10 ? -2.247  -2.932  -5.083 1.00 0.00 ? 10 ARG A CA   1 
ATOM   165 C C    . ARG A 1 10 ? -2.857  -1.691  -4.516 1.00 0.00 ? 10 ARG A C    1 
ATOM   166 O O    . ARG A 1 10 ? -3.611  -0.971  -5.213 1.00 0.00 ? 10 ARG A O    1 
ATOM   167 C CB   . ARG A 1 10 ? -2.910  -4.204  -4.474 1.00 0.00 ? 10 ARG A CB   1 
ATOM   168 C CG   . ARG A 1 10 ? -2.559  -4.446  -2.975 1.00 0.00 ? 10 ARG A CG   1 
ATOM   169 C CD   . ARG A 1 10 ? -3.015  -5.843  -2.497 1.00 0.00 ? 10 ARG A CD   1 
ATOM   170 N NE   . ARG A 1 10 ? -2.161  -6.271  -1.432 1.00 0.00 ? 10 ARG A NE   1 
ATOM   171 C CZ   . ARG A 1 10 ? -2.034  -7.549  -1.051 1.00 0.00 ? 10 ARG A CZ   1 
ATOM   172 N NH1  . ARG A 1 10 ? -2.710  -8.567  -1.569 1.00 0.00 ? 10 ARG A NH1  1 
ATOM   173 N NH2  . ARG A 1 10 ? -1.171  -7.808  -0.090 1.00 0.00 ? 10 ARG A NH2  1 
ATOM   174 O OXT  . ARG A 1 10 ? -2.743  -1.380  -3.306 1.00 0.00 ? 10 ARG A OXT  1 
ATOM   175 H H    . ARG A 1 10 ? -0.327  -2.648  -4.229 1.00 0.00 ? 10 ARG A H    1 
ATOM   176 H HA   . ARG A 1 10 ? -2.517  -2.906  -6.148 1.00 0.00 ? 10 ARG A HA   1 
ATOM   177 H HB2  . ARG A 1 10 ? -3.999  -4.146  -4.573 1.00 0.00 ? 10 ARG A HB2  1 
ATOM   178 H HB3  . ARG A 1 10 ? -2.600  -5.062  -5.080 1.00 0.00 ? 10 ARG A HB3  1 
ATOM   179 H HG2  . ARG A 1 10 ? -1.478  -4.342  -2.830 1.00 0.00 ? 10 ARG A HG2  1 
ATOM   180 H HG3  . ARG A 1 10 ? -3.039  -3.688  -2.345 1.00 0.00 ? 10 ARG A HG3  1 
ATOM   181 H HD2  . ARG A 1 10 ? -4.062  -5.817  -2.167 1.00 0.00 ? 10 ARG A HD2  1 
ATOM   182 H HD3  . ARG A 1 10 ? -2.960  -6.553  -3.330 1.00 0.00 ? 10 ARG A HD3  1 
ATOM   183 H HE   . ARG A 1 10 ? -1.638  -5.599  -0.967 1.00 0.00 ? 10 ARG A HE   1 
ATOM   184 H HH11 . ARG A 1 10 ? -3.345  -8.449  -2.282 1.00 0.00 ? 10 ARG A HH11 1 
ATOM   185 H HH12 . ARG A 1 10 ? -2.636  -9.418  -1.130 1.00 0.00 ? 10 ARG A HH12 1 
ATOM   186 H HH21 . ARG A 1 10 ? -0.733  -7.077  0.362  1.00 0.00 ? 10 ARG A HH21 1 
ATOM   187 H HH22 . ARG A 1 10 ? -0.975  -8.721  0.128  1.00 0.00 ? 10 ARG A HH22 1 
# 
